data_5FQ9
#
_entry.id   5FQ9
#
_cell.length_a   48.898
_cell.length_b   103.109
_cell.length_c   125.529
_cell.angle_alpha   90.00
_cell.angle_beta   90.00
_cell.angle_gamma   90.00
#
_symmetry.space_group_name_H-M   'P 21 21 21'
#
loop_
_entity.id
_entity.type
_entity.pdbx_description
1 polymer 'BETA-LACTAMASE OXA-10'
2 non-polymer '(3R)-3-(cyclohexylcarbonylamino)-2-oxidanyl-3,4-dihydro-1,2-benzoxaborinine-8-carboxylic acid'
3 non-polymer GLYCEROL
4 non-polymer 'ACETATE ION'
5 non-polymer 'CHLORIDE ION'
6 non-polymer 'SODIUM ION'
7 water water
#
_entity_poly.entity_id   1
_entity_poly.type   'polypeptide(L)'
_entity_poly.pdbx_seq_one_letter_code
;MGSITENTSWNKEFSAEAVNGVFVLCKSSSKSCATNDLARASKEYLPASTF(KCX)IPNAIIGLETGVIKNEHQVFKWDG
KPRAMKQWERDLTLRGAIQVSAVPVFQQIAREVGEVRMQKYLKKFSYGNQNISGGIDKFWLEGQLRISAVNQVEFLESLY
LNKLSASKENQLIVKEALVTEAAPEYLVHSKTGFSGVGTESNPGVAWWVGWVEKETEVYFFAFNMDIDNESKLPLRKSIP
TKIMESEGIIGG
;
_entity_poly.pdbx_strand_id   A,B
#
loop_
_chem_comp.id
_chem_comp.type
_chem_comp.name
_chem_comp.formula
ACT non-polymer 'ACETATE ION' 'C2 H3 O2 -1'
C6S non-polymer '(3R)-3-(cyclohexylcarbonylamino)-2-oxidanyl-3,4-dihydro-1,2-benzoxaborinine-8-carboxylic acid' 'C16 H20 B N O5'
CL non-polymer 'CHLORIDE ION' 'Cl -1'
GOL non-polymer GLYCEROL 'C3 H8 O3'
NA non-polymer 'SODIUM ION' 'Na 1'
#
# COMPACT_ATOMS: atom_id res chain seq x y z
N MET A 1 -23.97 -3.83 -0.15
CA MET A 1 -23.93 -2.96 1.03
C MET A 1 -25.00 -3.39 2.00
N GLY A 2 -24.69 -3.30 3.29
CA GLY A 2 -25.64 -3.79 4.27
C GLY A 2 -26.80 -2.84 4.46
N SER A 3 -27.47 -3.01 5.58
CA SER A 3 -28.55 -2.09 5.89
C SER A 3 -27.92 -0.75 6.24
N ILE A 4 -28.72 0.31 6.22
CA ILE A 4 -28.26 1.62 6.57
C ILE A 4 -29.23 2.24 7.56
N THR A 5 -28.69 2.83 8.61
CA THR A 5 -29.47 3.49 9.64
C THR A 5 -29.05 4.96 9.79
N GLU A 6 -30.02 5.84 9.90
CA GLU A 6 -29.73 7.24 10.13
C GLU A 6 -29.46 7.48 11.61
N ASN A 7 -28.36 8.17 11.88
CA ASN A 7 -27.94 8.58 13.20
C ASN A 7 -27.78 10.09 13.14
N THR A 8 -28.76 10.81 13.58
CA THR A 8 -28.72 12.26 13.46
C THR A 8 -27.77 12.89 14.47
N SER A 9 -27.24 12.10 15.40
CA SER A 9 -26.25 12.62 16.34
C SER A 9 -24.95 13.03 15.67
N TRP A 10 -24.57 12.37 14.59
CA TRP A 10 -23.39 12.83 13.87
C TRP A 10 -23.57 14.24 13.33
N ASN A 11 -24.80 14.76 13.26
CA ASN A 11 -24.94 16.11 12.73
C ASN A 11 -24.18 17.13 13.58
N LYS A 12 -23.81 16.79 14.83
CA LYS A 12 -23.09 17.73 15.68
C LYS A 12 -21.77 18.17 15.04
N GLU A 13 -21.04 17.23 14.43
CA GLU A 13 -19.76 17.58 13.82
CA GLU A 13 -19.76 17.57 13.83
C GLU A 13 -19.93 18.49 12.64
N PHE A 14 -21.12 18.52 12.04
CA PHE A 14 -21.43 19.31 10.84
C PHE A 14 -21.90 20.70 11.25
N SER A 15 -22.83 20.77 12.21
CA SER A 15 -23.41 22.06 12.54
C SER A 15 -22.38 22.97 13.17
N ALA A 16 -21.43 22.38 13.88
CA ALA A 16 -20.37 23.14 14.50
C ALA A 16 -19.62 23.98 13.48
N GLU A 17 -19.54 23.49 12.24
CA GLU A 17 -18.82 24.16 11.18
C GLU A 17 -19.76 24.74 10.12
N ALA A 18 -21.06 24.65 10.35
CA ALA A 18 -22.11 25.10 9.45
C ALA A 18 -21.98 24.44 8.08
N VAL A 19 -21.74 23.13 8.07
CA VAL A 19 -21.56 22.38 6.82
C VAL A 19 -22.81 21.57 6.51
N ASN A 20 -23.25 21.65 5.25
CA ASN A 20 -24.27 20.76 4.72
C ASN A 20 -23.55 19.62 4.02
N GLY A 21 -23.68 18.42 4.56
CA GLY A 21 -23.00 17.30 3.97
C GLY A 21 -23.52 15.98 4.52
N VAL A 22 -22.85 14.90 4.08
CA VAL A 22 -23.21 13.56 4.50
C VAL A 22 -21.97 12.73 4.74
N PHE A 23 -22.04 11.84 5.73
CA PHE A 23 -21.06 10.81 5.98
C PHE A 23 -21.79 9.47 6.00
N VAL A 24 -21.24 8.48 5.30
CA VAL A 24 -21.69 7.11 5.31
C VAL A 24 -20.53 6.26 5.79
N LEU A 25 -20.77 5.43 6.80
CA LEU A 25 -19.74 4.57 7.39
C LEU A 25 -20.31 3.17 7.53
N CYS A 26 -19.63 2.18 6.96
CA CYS A 26 -20.06 0.79 6.99
C CYS A 26 -18.99 -0.08 7.64
N LYS A 27 -19.43 -0.96 8.52
CA LYS A 27 -18.55 -1.90 9.18
C LYS A 27 -18.75 -3.26 8.53
N SER A 28 -17.69 -3.78 7.94
CA SER A 28 -17.83 -4.95 7.08
C SER A 28 -18.35 -6.17 7.85
N SER A 29 -17.84 -6.39 9.07
CA SER A 29 -18.15 -7.65 9.74
C SER A 29 -19.62 -7.72 10.08
N SER A 30 -20.25 -6.57 10.28
CA SER A 30 -21.65 -6.54 10.68
C SER A 30 -22.60 -6.22 9.54
N LYS A 31 -22.10 -6.00 8.33
CA LYS A 31 -22.93 -5.72 7.17
C LYS A 31 -23.91 -4.61 7.51
N SER A 32 -23.40 -3.58 8.17
CA SER A 32 -24.26 -2.48 8.58
C SER A 32 -23.58 -1.15 8.40
N CYS A 33 -24.38 -0.16 8.01
CA CYS A 33 -23.90 1.19 7.76
C CYS A 33 -24.73 2.19 8.56
N ALA A 34 -24.13 3.35 8.79
CA ALA A 34 -24.80 4.45 9.43
C ALA A 34 -24.48 5.72 8.66
N THR A 35 -25.38 6.69 8.75
CA THR A 35 -25.23 7.96 8.10
C THR A 35 -25.93 9.03 8.90
N ASN A 36 -25.44 10.25 8.81
CA ASN A 36 -26.16 11.35 9.41
C ASN A 36 -27.39 11.79 8.64
N ASP A 37 -27.50 11.43 7.36
CA ASP A 37 -28.53 11.99 6.50
C ASP A 37 -28.84 10.99 5.40
N LEU A 38 -29.88 10.18 5.66
CA LEU A 38 -30.26 9.13 4.73
C LEU A 38 -30.54 9.70 3.34
N ALA A 39 -31.30 10.80 3.25
CA ALA A 39 -31.63 11.33 1.93
C ALA A 39 -30.37 11.75 1.16
N ARG A 40 -29.48 12.49 1.81
CA ARG A 40 -28.29 12.94 1.11
C ARG A 40 -27.36 11.79 0.79
N ALA A 41 -27.39 10.74 1.60
CA ALA A 41 -26.54 9.59 1.32
C ALA A 41 -26.78 8.98 -0.06
N SER A 42 -28.01 9.10 -0.57
CA SER A 42 -28.37 8.55 -1.87
C SER A 42 -28.36 9.60 -2.98
N LYS A 43 -28.09 10.87 -2.62
CA LYS A 43 -28.09 11.94 -3.59
C LYS A 43 -26.79 11.90 -4.40
N GLU A 44 -26.91 12.12 -5.71
CA GLU A 44 -25.76 11.96 -6.61
C GLU A 44 -25.10 13.30 -6.89
N TYR A 45 -23.78 13.29 -6.82
CA TYR A 45 -22.96 14.49 -7.07
C TYR A 45 -21.86 14.20 -8.08
N LEU A 46 -21.31 15.27 -8.70
CA LEU A 46 -20.10 15.10 -9.52
C LEU A 46 -19.03 14.36 -8.69
N PRO A 47 -18.34 13.36 -9.26
CA PRO A 47 -17.32 12.70 -8.44
C PRO A 47 -16.05 13.49 -8.28
N ALA A 48 -15.80 14.41 -9.19
CA ALA A 48 -14.54 15.13 -9.21
C ALA A 48 -13.37 14.15 -9.14
N SER A 49 -12.31 14.48 -8.41
CA SER A 49 -11.09 13.64 -8.43
C SER A 49 -11.29 12.28 -7.79
N THR A 50 -12.43 12.01 -7.12
CA THR A 50 -12.66 10.61 -6.71
C THR A 50 -12.75 9.70 -7.91
N PHE A 51 -13.04 10.27 -9.11
CA PHE A 51 -13.13 9.49 -10.32
C PHE A 51 -11.73 8.95 -10.73
N KCX A 52 -10.65 9.44 -10.14
CA KCX A 52 -9.33 8.90 -10.42
CB KCX A 52 -8.25 9.69 -9.73
CG KCX A 52 -8.05 11.03 -10.39
CD KCX A 52 -6.87 11.85 -9.86
CE KCX A 52 -6.62 13.13 -10.71
NZ KCX A 52 -7.75 14.12 -10.50
C KCX A 52 -9.28 7.44 -10.08
O KCX A 52 -8.48 6.72 -10.68
CX KCX A 52 -8.89 14.21 -11.42
OQ1 KCX A 52 -9.85 14.98 -11.21
OQ2 KCX A 52 -8.99 13.84 -12.57
N ILE A 53 -10.12 6.94 -9.15
CA ILE A 53 -10.09 5.52 -8.82
C ILE A 53 -10.58 4.64 -10.01
N PRO A 54 -11.82 4.80 -10.48
CA PRO A 54 -12.21 4.00 -11.66
C PRO A 54 -11.35 4.31 -12.87
N ASN A 55 -11.00 5.58 -13.10
CA ASN A 55 -10.23 5.94 -14.31
C ASN A 55 -8.88 5.24 -14.32
N ALA A 56 -8.24 5.14 -13.16
CA ALA A 56 -6.98 4.40 -13.09
C ALA A 56 -7.17 2.93 -13.43
N ILE A 57 -8.21 2.30 -12.84
CA ILE A 57 -8.50 0.89 -13.13
C ILE A 57 -8.73 0.70 -14.62
N ILE A 58 -9.56 1.57 -15.20
CA ILE A 58 -9.89 1.48 -16.60
C ILE A 58 -8.66 1.72 -17.46
N GLY A 59 -7.84 2.70 -17.09
CA GLY A 59 -6.58 2.89 -17.82
C GLY A 59 -5.73 1.66 -17.85
N LEU A 60 -5.60 0.98 -16.72
CA LEU A 60 -4.83 -0.26 -16.72
C LEU A 60 -5.52 -1.38 -17.51
N GLU A 61 -6.85 -1.52 -17.34
CA GLU A 61 -7.57 -2.60 -18.00
CA GLU A 61 -7.53 -2.63 -17.99
C GLU A 61 -7.42 -2.52 -19.51
N THR A 62 -7.51 -1.29 -20.06
CA THR A 62 -7.45 -1.07 -21.49
C THR A 62 -6.03 -1.02 -22.04
N GLY A 63 -5.01 -1.06 -21.19
CA GLY A 63 -3.64 -0.99 -21.66
C GLY A 63 -3.13 0.42 -21.89
N VAL A 64 -3.97 1.43 -21.70
CA VAL A 64 -3.54 2.83 -21.80
C VAL A 64 -2.45 3.13 -20.78
N ILE A 65 -2.64 2.65 -19.57
CA ILE A 65 -1.60 2.65 -18.55
C ILE A 65 -0.92 1.32 -18.69
N LYS A 66 0.34 1.33 -19.10
CA LYS A 66 1.00 0.13 -19.55
C LYS A 66 1.22 -0.88 -18.43
N ASN A 67 1.56 -0.43 -17.23
CA ASN A 67 1.73 -1.31 -16.09
C ASN A 67 1.85 -0.41 -14.86
N GLU A 68 2.03 -1.07 -13.72
CA GLU A 68 1.94 -0.28 -12.50
CA GLU A 68 2.10 -0.46 -12.39
C GLU A 68 3.05 0.74 -12.35
N HIS A 69 4.16 0.63 -13.09
CA HIS A 69 5.30 1.52 -12.96
C HIS A 69 5.41 2.52 -14.09
N GLN A 70 4.33 2.71 -14.85
CA GLN A 70 4.31 3.74 -15.88
C GLN A 70 4.60 5.12 -15.29
N VAL A 71 5.48 5.85 -15.90
CA VAL A 71 5.70 7.24 -15.51
C VAL A 71 4.96 8.15 -16.49
N PHE A 72 4.33 9.17 -15.95
CA PHE A 72 3.60 10.17 -16.70
C PHE A 72 4.49 11.40 -16.73
N LYS A 73 5.12 11.63 -17.87
CA LYS A 73 6.14 12.69 -17.98
C LYS A 73 5.47 14.06 -18.13
N TRP A 74 6.06 15.06 -17.49
CA TRP A 74 5.64 16.44 -17.65
C TRP A 74 6.33 17.04 -18.87
N ASP A 75 5.56 17.64 -19.78
CA ASP A 75 6.08 18.28 -20.98
C ASP A 75 6.72 19.65 -20.73
N GLY A 76 6.79 20.09 -19.48
CA GLY A 76 7.37 21.35 -19.14
C GLY A 76 6.47 22.56 -19.34
N LYS A 77 5.27 22.38 -19.81
CA LYS A 77 4.30 23.46 -20.05
C LYS A 77 3.44 23.70 -18.81
N PRO A 78 2.99 24.94 -18.62
CA PRO A 78 2.31 25.26 -17.36
C PRO A 78 1.13 24.34 -17.09
N ARG A 79 1.04 23.93 -15.84
CA ARG A 79 -0.12 23.23 -15.29
C ARG A 79 -0.69 24.01 -14.13
N ALA A 80 -1.97 23.72 -13.85
CA ALA A 80 -2.73 24.58 -12.99
C ALA A 80 -2.27 24.56 -11.54
N MET A 81 -1.60 23.49 -11.10
CA MET A 81 -1.02 23.43 -9.76
C MET A 81 0.45 23.10 -9.90
N LYS A 82 1.29 23.77 -9.11
CA LYS A 82 2.73 23.50 -9.15
C LYS A 82 3.03 22.05 -8.79
N GLN A 83 2.22 21.45 -7.91
CA GLN A 83 2.41 20.04 -7.53
C GLN A 83 2.33 19.10 -8.72
N TRP A 84 1.69 19.52 -9.81
CA TRP A 84 1.56 18.72 -11.02
C TRP A 84 2.69 18.89 -12.02
N GLU A 85 3.56 19.85 -11.78
CA GLU A 85 4.60 20.22 -12.74
C GLU A 85 5.88 19.39 -12.53
N ARG A 86 5.71 18.10 -12.79
CA ARG A 86 6.80 17.15 -12.59
C ARG A 86 6.34 15.79 -13.11
N ASP A 87 7.33 14.97 -13.42
CA ASP A 87 7.00 13.59 -13.77
C ASP A 87 6.38 12.91 -12.55
N LEU A 88 5.41 12.05 -12.79
CA LEU A 88 4.62 11.39 -11.75
C LEU A 88 4.49 9.90 -12.02
N THR A 89 4.54 9.13 -10.94
CA THR A 89 4.08 7.75 -11.02
C THR A 89 2.55 7.72 -10.98
N LEU A 90 1.97 6.54 -11.18
CA LEU A 90 0.52 6.42 -11.04
C LEU A 90 0.08 6.78 -9.64
N ARG A 91 0.75 6.24 -8.63
CA ARG A 91 0.42 6.63 -7.27
C ARG A 91 0.60 8.12 -7.05
N GLY A 92 1.71 8.66 -7.51
CA GLY A 92 1.92 10.12 -7.34
C GLY A 92 0.83 10.95 -7.99
N ALA A 93 0.43 10.59 -9.19
CA ALA A 93 -0.61 11.34 -9.91
C ALA A 93 -1.94 11.24 -9.18
N ILE A 94 -2.24 10.08 -8.59
CA ILE A 94 -3.44 9.97 -7.77
C ILE A 94 -3.33 10.84 -6.52
N GLN A 95 -2.21 10.70 -5.77
CA GLN A 95 -2.07 11.38 -4.49
C GLN A 95 -2.07 12.89 -4.62
N VAL A 96 -1.46 13.44 -5.68
CA VAL A 96 -1.47 14.90 -5.87
C VAL A 96 -2.64 15.34 -6.76
N SER A 97 -3.51 14.38 -7.13
CA SER A 97 -4.73 14.65 -7.91
CA SER A 97 -4.73 14.68 -7.89
C SER A 97 -4.42 15.38 -9.22
N ALA A 98 -3.46 14.85 -9.97
CA ALA A 98 -3.01 15.49 -11.21
C ALA A 98 -3.98 15.34 -12.39
N VAL A 99 -4.91 16.28 -12.45
CA VAL A 99 -5.95 16.31 -13.48
C VAL A 99 -5.43 16.09 -14.87
N PRO A 100 -4.41 16.79 -15.33
CA PRO A 100 -4.03 16.61 -16.75
C PRO A 100 -3.56 15.21 -17.07
N VAL A 101 -2.95 14.53 -16.12
CA VAL A 101 -2.54 13.15 -16.35
C VAL A 101 -3.78 12.30 -16.63
N PHE A 102 -4.79 12.45 -15.78
CA PHE A 102 -6.01 11.65 -15.93
C PHE A 102 -6.88 12.09 -17.09
N GLN A 103 -6.79 13.35 -17.50
CA GLN A 103 -7.50 13.76 -18.70
C GLN A 103 -6.93 13.05 -19.92
N GLN A 104 -5.61 12.95 -20.01
CA GLN A 104 -5.05 12.23 -21.16
C GLN A 104 -5.36 10.73 -21.09
N ILE A 105 -5.34 10.14 -19.89
CA ILE A 105 -5.75 8.74 -19.76
C ILE A 105 -7.15 8.55 -20.31
N ALA A 106 -8.07 9.44 -19.90
CA ALA A 106 -9.45 9.34 -20.37
C ALA A 106 -9.55 9.48 -21.88
N ARG A 107 -8.83 10.44 -22.47
CA ARG A 107 -8.90 10.58 -23.92
C ARG A 107 -8.47 9.30 -24.61
N GLU A 108 -7.42 8.67 -24.10
CA GLU A 108 -6.87 7.47 -24.76
C GLU A 108 -7.78 6.27 -24.51
N VAL A 109 -8.38 6.16 -23.31
CA VAL A 109 -9.42 5.15 -23.06
C VAL A 109 -10.53 5.29 -24.09
N GLY A 110 -10.97 6.51 -24.30
CA GLY A 110 -11.99 6.82 -25.27
C GLY A 110 -13.40 6.56 -24.75
N GLU A 111 -14.36 7.16 -25.46
CA GLU A 111 -15.72 7.22 -24.94
C GLU A 111 -16.36 5.83 -24.91
N VAL A 112 -16.11 4.99 -25.91
CA VAL A 112 -16.75 3.66 -25.93
C VAL A 112 -16.31 2.83 -24.74
N ARG A 113 -15.00 2.70 -24.55
CA ARG A 113 -14.54 1.88 -23.44
C ARG A 113 -14.89 2.52 -22.10
N MET A 114 -14.88 3.83 -22.02
CA MET A 114 -15.23 4.47 -20.76
C MET A 114 -16.67 4.14 -20.39
N GLN A 115 -17.58 4.27 -21.37
CA GLN A 115 -19.00 3.96 -21.10
C GLN A 115 -19.15 2.52 -20.65
N LYS A 116 -18.41 1.62 -21.32
N LYS A 116 -18.45 1.63 -21.33
CA LYS A 116 -18.45 0.18 -21.06
CA LYS A 116 -18.55 0.22 -21.00
C LYS A 116 -18.06 -0.15 -19.63
C LYS A 116 -18.15 -0.05 -19.55
N TYR A 117 -16.99 0.46 -19.13
CA TYR A 117 -16.54 0.15 -17.79
C TYR A 117 -17.41 0.81 -16.73
N LEU A 118 -17.94 2.02 -17.01
CA LEU A 118 -18.83 2.60 -16.00
C LEU A 118 -20.11 1.77 -15.84
N LYS A 119 -20.60 1.18 -16.93
N LYS A 119 -20.59 1.12 -16.90
CA LYS A 119 -21.67 0.20 -16.83
CA LYS A 119 -21.69 0.19 -16.74
C LYS A 119 -21.25 -0.99 -15.97
C LYS A 119 -21.27 -1.05 -15.96
N LYS A 120 -20.10 -1.60 -16.28
CA LYS A 120 -19.63 -2.79 -15.56
C LYS A 120 -19.49 -2.51 -14.08
N PHE A 121 -19.04 -1.32 -13.73
CA PHE A 121 -18.76 -0.91 -12.36
C PHE A 121 -20.01 -0.39 -11.65
N SER A 122 -21.15 -0.24 -12.33
CA SER A 122 -22.34 0.37 -11.78
C SER A 122 -21.98 1.71 -11.16
N TYR A 123 -21.30 2.55 -11.91
CA TYR A 123 -20.72 3.77 -11.34
C TYR A 123 -21.66 4.95 -11.53
N GLY A 124 -22.47 5.22 -10.52
CA GLY A 124 -23.34 6.38 -10.54
C GLY A 124 -24.36 6.29 -11.66
N ASN A 125 -24.66 7.46 -12.20
CA ASN A 125 -25.60 7.56 -13.32
C ASN A 125 -25.00 7.16 -14.67
N GLN A 126 -23.73 6.83 -14.68
CA GLN A 126 -23.04 6.27 -15.85
C GLN A 126 -23.08 7.22 -17.04
N ASN A 127 -23.26 8.51 -16.81
CA ASN A 127 -23.46 9.49 -17.88
C ASN A 127 -22.13 10.17 -18.13
N ILE A 128 -21.49 9.86 -19.26
CA ILE A 128 -20.19 10.42 -19.56
C ILE A 128 -20.28 11.61 -20.51
N SER A 129 -21.47 12.17 -20.70
CA SER A 129 -21.65 13.37 -21.52
CA SER A 129 -21.53 13.31 -21.58
C SER A 129 -20.88 14.54 -20.93
N GLY A 130 -20.47 15.43 -21.77
CA GLY A 130 -19.84 16.67 -21.34
C GLY A 130 -18.39 16.76 -21.76
N GLY A 131 -17.91 15.80 -22.61
CA GLY A 131 -16.54 15.79 -23.11
C GLY A 131 -15.76 14.70 -22.41
N ILE A 132 -15.02 13.93 -23.20
CA ILE A 132 -14.36 12.75 -22.66
C ILE A 132 -13.33 13.06 -21.61
N ASP A 133 -12.74 14.26 -21.66
CA ASP A 133 -11.72 14.64 -20.71
C ASP A 133 -12.23 15.45 -19.55
N LYS A 134 -13.54 15.59 -19.40
CA LYS A 134 -14.00 16.44 -18.31
C LYS A 134 -15.35 16.04 -17.73
N PHE A 135 -15.93 14.93 -18.14
CA PHE A 135 -17.29 14.65 -17.75
C PHE A 135 -17.42 14.49 -16.22
N TRP A 136 -16.37 14.05 -15.55
CA TRP A 136 -16.38 13.81 -14.09
C TRP A 136 -16.04 15.06 -13.29
N LEU A 137 -15.61 16.10 -13.94
CA LEU A 137 -15.23 17.36 -13.33
C LEU A 137 -16.27 18.44 -13.55
N GLU A 138 -16.88 18.49 -14.75
CA GLU A 138 -17.84 19.53 -15.03
C GLU A 138 -18.97 19.06 -15.92
N GLY A 139 -19.07 17.75 -16.18
CA GLY A 139 -20.10 17.21 -17.02
C GLY A 139 -21.26 16.67 -16.22
N GLN A 140 -21.85 15.63 -16.76
CA GLN A 140 -23.14 15.15 -16.24
C GLN A 140 -23.01 13.91 -15.37
N LEU A 141 -21.80 13.39 -15.14
CA LEU A 141 -21.65 12.19 -14.32
C LEU A 141 -21.95 12.54 -12.88
N ARG A 142 -22.72 11.71 -12.20
CA ARG A 142 -23.06 11.93 -10.80
C ARG A 142 -23.03 10.57 -10.08
N ILE A 143 -22.59 10.59 -8.81
CA ILE A 143 -22.57 9.38 -7.98
C ILE A 143 -22.88 9.76 -6.53
N SER A 144 -23.59 8.88 -5.82
CA SER A 144 -23.91 9.08 -4.42
C SER A 144 -22.85 8.49 -3.50
N ALA A 145 -22.93 8.95 -2.23
CA ALA A 145 -22.04 8.40 -1.21
C ALA A 145 -22.30 6.90 -1.04
N VAL A 146 -23.58 6.47 -1.04
CA VAL A 146 -23.90 5.04 -0.97
C VAL A 146 -23.21 4.29 -2.11
N ASN A 147 -23.30 4.82 -3.33
CA ASN A 147 -22.72 4.12 -4.48
C ASN A 147 -21.20 4.11 -4.36
N GLN A 148 -20.60 5.18 -3.87
CA GLN A 148 -19.13 5.15 -3.67
C GLN A 148 -18.75 4.02 -2.72
N VAL A 149 -19.48 3.85 -1.61
CA VAL A 149 -19.16 2.79 -0.65
CA VAL A 149 -19.09 2.79 -0.69
C VAL A 149 -19.27 1.42 -1.33
N GLU A 150 -20.33 1.25 -2.12
CA GLU A 150 -20.54 -0.02 -2.81
C GLU A 150 -19.36 -0.33 -3.75
N PHE A 151 -18.96 0.68 -4.52
CA PHE A 151 -17.86 0.54 -5.48
C PHE A 151 -16.57 0.19 -4.73
N LEU A 152 -16.30 0.88 -3.62
CA LEU A 152 -15.08 0.63 -2.86
C LEU A 152 -15.08 -0.74 -2.21
N GLU A 153 -16.23 -1.19 -1.71
CA GLU A 153 -16.34 -2.54 -1.14
C GLU A 153 -15.98 -3.58 -2.21
N SER A 154 -16.47 -3.38 -3.44
CA SER A 154 -16.16 -4.28 -4.53
C SER A 154 -14.68 -4.26 -4.82
N LEU A 155 -14.10 -3.05 -4.87
CA LEU A 155 -12.64 -2.91 -5.09
C LEU A 155 -11.84 -3.61 -4.01
N TYR A 156 -12.23 -3.44 -2.76
CA TYR A 156 -11.52 -4.10 -1.66
C TYR A 156 -11.51 -5.60 -1.86
N LEU A 157 -12.63 -6.16 -2.27
CA LEU A 157 -12.77 -7.59 -2.45
C LEU A 157 -12.25 -8.08 -3.80
N ASN A 158 -11.70 -7.20 -4.64
CA ASN A 158 -11.25 -7.56 -5.99
C ASN A 158 -12.40 -8.08 -6.84
N LYS A 159 -13.61 -7.58 -6.60
CA LYS A 159 -14.81 -8.06 -7.28
C LYS A 159 -15.32 -7.14 -8.39
N LEU A 160 -14.64 -6.00 -8.68
CA LEU A 160 -15.01 -5.24 -9.85
C LEU A 160 -14.75 -6.09 -11.09
N SER A 161 -15.41 -5.73 -12.17
CA SER A 161 -15.22 -6.39 -13.45
CA SER A 161 -15.22 -6.40 -13.45
C SER A 161 -13.95 -5.85 -14.11
N ALA A 162 -12.81 -6.25 -13.55
CA ALA A 162 -11.48 -5.88 -14.02
C ALA A 162 -10.55 -6.90 -13.41
N SER A 163 -9.31 -6.96 -13.91
CA SER A 163 -8.42 -7.99 -13.39
C SER A 163 -8.14 -7.75 -11.91
N LYS A 164 -7.88 -8.86 -11.16
CA LYS A 164 -7.47 -8.68 -9.76
C LYS A 164 -6.17 -7.89 -9.68
N GLU A 165 -5.25 -8.14 -10.63
CA GLU A 165 -3.99 -7.43 -10.66
CA GLU A 165 -3.98 -7.43 -10.66
C GLU A 165 -4.21 -5.92 -10.72
N ASN A 166 -5.10 -5.46 -11.64
CA ASN A 166 -5.27 -4.02 -11.76
C ASN A 166 -5.99 -3.41 -10.56
N GLN A 167 -6.89 -4.15 -9.94
CA GLN A 167 -7.50 -3.70 -8.71
C GLN A 167 -6.45 -3.55 -7.59
N LEU A 168 -5.55 -4.53 -7.44
CA LEU A 168 -4.51 -4.44 -6.44
C LEU A 168 -3.57 -3.27 -6.71
N ILE A 169 -3.19 -3.04 -7.96
CA ILE A 169 -2.33 -1.91 -8.28
C ILE A 169 -2.96 -0.61 -7.80
N VAL A 170 -4.25 -0.40 -8.10
CA VAL A 170 -4.89 0.85 -7.73
C VAL A 170 -5.06 0.92 -6.22
N LYS A 171 -5.32 -0.20 -5.57
CA LYS A 171 -5.38 -0.19 -4.11
C LYS A 171 -4.08 0.31 -3.49
N GLU A 172 -2.93 -0.17 -3.94
CA GLU A 172 -1.72 0.30 -3.27
C GLU A 172 -1.53 1.77 -3.52
N ALA A 173 -1.92 2.24 -4.69
CA ALA A 173 -1.78 3.64 -5.01
C ALA A 173 -2.64 4.53 -4.16
N LEU A 174 -3.68 3.97 -3.53
CA LEU A 174 -4.58 4.74 -2.66
C LEU A 174 -4.18 4.70 -1.20
N VAL A 175 -3.13 3.96 -0.82
CA VAL A 175 -2.75 4.01 0.59
C VAL A 175 -2.31 5.42 0.98
N THR A 176 -2.88 5.92 2.08
CA THR A 176 -2.54 7.23 2.60
C THR A 176 -2.03 7.25 4.02
N GLU A 177 -2.17 6.13 4.79
CA GLU A 177 -1.58 6.02 6.11
C GLU A 177 -1.32 4.54 6.34
N ALA A 178 -0.13 4.21 6.85
CA ALA A 178 0.32 2.85 7.06
C ALA A 178 0.94 2.73 8.43
N ALA A 179 0.39 1.84 9.25
CA ALA A 179 0.97 1.48 10.53
C ALA A 179 0.83 -0.02 10.73
N PRO A 180 1.48 -0.63 11.72
CA PRO A 180 1.45 -2.09 11.80
C PRO A 180 0.06 -2.72 11.85
N GLU A 181 -0.90 -2.12 12.55
CA GLU A 181 -2.23 -2.71 12.58
C GLU A 181 -3.32 -1.73 12.17
N TYR A 182 -2.98 -0.78 11.30
CA TYR A 182 -3.90 0.27 10.90
C TYR A 182 -3.48 0.73 9.52
N LEU A 183 -4.36 0.62 8.56
CA LEU A 183 -4.05 1.00 7.18
C LEU A 183 -5.22 1.73 6.58
N VAL A 184 -4.99 2.88 5.95
CA VAL A 184 -6.01 3.72 5.34
C VAL A 184 -5.77 3.80 3.85
N HIS A 185 -6.83 3.58 3.07
CA HIS A 185 -6.87 3.86 1.65
C HIS A 185 -7.88 4.98 1.49
N SER A 186 -7.55 6.02 0.75
CA SER A 186 -8.48 7.13 0.62
C SER A 186 -8.19 7.98 -0.60
N LYS A 187 -9.19 8.78 -0.97
CA LYS A 187 -9.10 9.71 -2.08
C LYS A 187 -10.02 10.91 -1.84
N THR A 188 -9.49 12.10 -2.03
CA THR A 188 -10.18 13.36 -1.96
C THR A 188 -10.74 13.73 -3.35
N GLY A 189 -11.79 14.55 -3.30
CA GLY A 189 -12.30 15.19 -4.51
C GLY A 189 -12.82 16.56 -4.18
N PHE A 190 -12.81 17.42 -5.20
CA PHE A 190 -13.23 18.80 -5.03
C PHE A 190 -13.63 19.30 -6.42
N SER A 191 -14.89 19.66 -6.61
CA SER A 191 -15.36 20.08 -7.91
C SER A 191 -15.13 21.57 -8.20
N GLY A 192 -14.86 22.35 -7.18
CA GLY A 192 -14.77 23.80 -7.29
C GLY A 192 -15.79 24.44 -6.37
N VAL A 193 -15.89 25.77 -6.46
CA VAL A 193 -16.76 26.50 -5.53
C VAL A 193 -18.17 26.73 -6.07
N GLY A 194 -18.48 26.17 -7.24
CA GLY A 194 -19.80 26.23 -7.84
C GLY A 194 -20.14 27.59 -8.38
N THR A 195 -21.44 27.90 -8.40
CA THR A 195 -21.94 29.14 -8.92
C THR A 195 -23.06 29.64 -7.99
N GLU A 196 -23.54 30.81 -8.24
CA GLU A 196 -24.64 31.37 -7.42
C GLU A 196 -25.75 30.34 -7.25
N SER A 197 -26.09 30.01 -5.98
CA SER A 197 -27.18 29.12 -5.61
C SER A 197 -26.86 27.67 -5.91
N ASN A 198 -25.66 27.37 -6.37
CA ASN A 198 -25.32 26.03 -6.83
C ASN A 198 -23.90 25.69 -6.35
N PRO A 199 -23.73 25.37 -5.08
CA PRO A 199 -22.38 25.09 -4.56
C PRO A 199 -21.68 23.93 -5.24
N GLY A 200 -20.35 23.97 -5.13
CA GLY A 200 -19.56 22.82 -5.50
C GLY A 200 -19.68 21.72 -4.48
N VAL A 201 -18.94 20.64 -4.75
CA VAL A 201 -18.93 19.46 -3.86
C VAL A 201 -17.49 19.13 -3.50
N ALA A 202 -17.27 18.70 -2.26
CA ALA A 202 -16.00 18.15 -1.84
C ALA A 202 -16.26 16.78 -1.23
N TRP A 203 -15.34 15.84 -1.52
CA TRP A 203 -15.46 14.44 -1.16
C TRP A 203 -14.24 13.97 -0.40
N TRP A 204 -14.47 12.98 0.47
CA TRP A 204 -13.41 12.08 0.95
C TRP A 204 -13.99 10.69 1.04
N VAL A 205 -13.37 9.76 0.33
CA VAL A 205 -13.89 8.39 0.27
C VAL A 205 -12.73 7.43 0.54
N GLY A 206 -13.04 6.25 1.10
CA GLY A 206 -11.99 5.29 1.30
C GLY A 206 -12.41 4.20 2.26
N TRP A 207 -11.40 3.56 2.82
CA TRP A 207 -11.69 2.55 3.84
C TRP A 207 -10.49 2.44 4.78
N VAL A 208 -10.80 1.97 5.99
CA VAL A 208 -9.83 1.78 7.08
C VAL A 208 -9.79 0.31 7.46
N GLU A 209 -8.57 -0.25 7.48
CA GLU A 209 -8.36 -1.63 7.92
C GLU A 209 -7.72 -1.51 9.29
N LYS A 210 -8.42 -1.95 10.34
CA LYS A 210 -7.91 -1.84 11.69
C LYS A 210 -7.99 -3.22 12.31
N GLU A 211 -6.84 -3.79 12.66
CA GLU A 211 -6.79 -5.19 13.11
C GLU A 211 -7.48 -6.02 12.01
N THR A 212 -8.47 -6.86 12.34
CA THR A 212 -9.20 -7.64 11.32
C THR A 212 -10.54 -7.03 10.87
N GLU A 213 -10.84 -5.81 11.29
CA GLU A 213 -12.05 -5.13 10.87
CA GLU A 213 -12.06 -5.15 10.86
C GLU A 213 -11.76 -4.24 9.66
N VAL A 214 -12.81 -3.93 8.90
CA VAL A 214 -12.73 -3.01 7.77
C VAL A 214 -13.91 -2.07 7.83
N TYR A 215 -13.64 -0.79 7.67
CA TYR A 215 -14.65 0.27 7.72
C TYR A 215 -14.59 1.03 6.41
N PHE A 216 -15.69 1.03 5.68
CA PHE A 216 -15.79 1.76 4.42
C PHE A 216 -16.48 3.09 4.65
N PHE A 217 -15.98 4.15 4.00
CA PHE A 217 -16.57 5.44 4.23
C PHE A 217 -16.66 6.29 2.97
N ALA A 218 -17.67 7.17 2.98
CA ALA A 218 -17.81 8.18 1.94
C ALA A 218 -18.39 9.43 2.57
N PHE A 219 -17.71 10.56 2.33
CA PHE A 219 -18.10 11.88 2.82
C PHE A 219 -18.26 12.83 1.66
N ASN A 220 -19.35 13.61 1.63
CA ASN A 220 -19.36 14.78 0.74
C ASN A 220 -20.03 15.95 1.44
N MET A 221 -19.74 17.16 0.93
CA MET A 221 -20.28 18.39 1.49
C MET A 221 -20.41 19.41 0.38
N ASP A 222 -21.35 20.32 0.55
CA ASP A 222 -21.44 21.51 -0.27
C ASP A 222 -20.29 22.45 0.10
N ILE A 223 -19.71 23.08 -0.93
CA ILE A 223 -18.60 23.98 -0.67
C ILE A 223 -18.64 25.14 -1.66
N ASP A 224 -18.52 26.36 -1.16
CA ASP A 224 -18.49 27.55 -2.02
C ASP A 224 -17.28 28.43 -1.74
N ASN A 225 -16.31 27.91 -0.97
CA ASN A 225 -15.14 28.69 -0.64
C ASN A 225 -14.03 27.69 -0.35
N GLU A 226 -12.90 27.85 -1.04
CA GLU A 226 -11.78 26.93 -0.84
C GLU A 226 -11.30 26.87 0.59
N SER A 227 -11.57 27.90 1.40
CA SER A 227 -11.06 27.87 2.77
C SER A 227 -11.73 26.80 3.61
N LYS A 228 -12.85 26.26 3.18
CA LYS A 228 -13.54 25.21 3.90
C LYS A 228 -13.05 23.83 3.53
N LEU A 229 -12.12 23.71 2.60
N LEU A 229 -12.15 23.71 2.56
CA LEU A 229 -11.76 22.38 2.13
CA LEU A 229 -11.72 22.39 2.13
C LEU A 229 -11.18 21.47 3.21
C LEU A 229 -11.24 21.48 3.25
N PRO A 230 -10.47 21.94 4.23
CA PRO A 230 -9.98 21.00 5.27
C PRO A 230 -11.11 20.30 6.01
N LEU A 231 -12.32 20.86 6.03
CA LEU A 231 -13.44 20.18 6.68
C LEU A 231 -13.80 18.86 6.04
N ARG A 232 -13.46 18.67 4.76
CA ARG A 232 -13.81 17.43 4.11
C ARG A 232 -13.04 16.24 4.72
N LYS A 233 -11.91 16.50 5.37
CA LYS A 233 -11.23 15.45 6.14
C LYS A 233 -11.49 15.53 7.63
N SER A 234 -11.61 16.74 8.19
CA SER A 234 -11.71 16.86 9.64
C SER A 234 -13.07 16.37 10.17
N ILE A 235 -14.17 16.62 9.45
CA ILE A 235 -15.47 16.15 9.95
C ILE A 235 -15.52 14.63 9.97
N PRO A 236 -15.23 13.94 8.86
CA PRO A 236 -15.20 12.46 8.92
C PRO A 236 -14.17 11.92 9.87
N THR A 237 -13.01 12.57 10.00
CA THR A 237 -12.04 12.08 10.97
C THR A 237 -12.60 12.15 12.39
N LYS A 238 -13.25 13.26 12.75
CA LYS A 238 -13.82 13.38 14.09
C LYS A 238 -14.92 12.35 14.34
N ILE A 239 -15.75 12.07 13.34
CA ILE A 239 -16.76 11.04 13.48
C ILE A 239 -16.10 9.69 13.69
N MET A 240 -15.11 9.37 12.86
CA MET A 240 -14.48 8.08 12.99
C MET A 240 -13.74 7.96 14.31
N GLU A 241 -13.15 9.04 14.80
CA GLU A 241 -12.54 9.00 16.14
C GLU A 241 -13.59 8.76 17.22
N SER A 242 -14.76 9.41 17.09
CA SER A 242 -15.81 9.22 18.08
C SER A 242 -16.30 7.77 18.10
N GLU A 243 -16.24 7.09 16.94
CA GLU A 243 -16.56 5.67 16.82
C GLU A 243 -15.40 4.79 17.28
N GLY A 244 -14.27 5.36 17.65
CA GLY A 244 -13.14 4.55 18.10
C GLY A 244 -12.28 3.97 16.99
N ILE A 245 -12.54 4.35 15.75
CA ILE A 245 -11.77 3.84 14.62
C ILE A 245 -10.47 4.61 14.49
N ILE A 246 -10.58 5.94 14.42
CA ILE A 246 -9.46 6.89 14.39
C ILE A 246 -9.06 7.28 12.94
N MET B 1 20.80 -6.96 -10.58
CA MET B 1 21.34 -5.83 -9.81
C MET B 1 22.36 -5.13 -10.67
N GLY B 2 22.49 -3.85 -10.50
CA GLY B 2 23.46 -3.08 -11.25
C GLY B 2 24.87 -3.25 -10.70
N SER B 3 25.66 -2.25 -10.97
CA SER B 3 27.02 -2.26 -10.48
C SER B 3 27.03 -2.00 -8.99
N ILE B 4 28.11 -2.39 -8.33
CA ILE B 4 28.26 -2.12 -6.92
C ILE B 4 29.65 -1.56 -6.64
N THR B 5 29.69 -0.50 -5.83
CA THR B 5 30.91 0.20 -5.47
C THR B 5 30.99 0.25 -3.96
N GLU B 6 32.17 0.05 -3.43
CA GLU B 6 32.39 0.18 -2.01
C GLU B 6 32.61 1.65 -1.67
N ASN B 7 31.90 2.13 -0.66
CA ASN B 7 31.99 3.50 -0.16
C ASN B 7 32.37 3.38 1.32
N THR B 8 33.63 3.51 1.62
CA THR B 8 34.04 3.33 3.00
C THR B 8 33.69 4.52 3.87
N SER B 9 33.24 5.63 3.29
CA SER B 9 32.82 6.75 4.12
C SER B 9 31.59 6.39 4.95
N TRP B 10 30.71 5.51 4.44
CA TRP B 10 29.57 5.10 5.26
C TRP B 10 30.01 4.41 6.55
N ASN B 11 31.25 3.92 6.63
CA ASN B 11 31.67 3.22 7.84
C ASN B 11 31.56 4.10 9.08
N LYS B 12 31.55 5.42 8.92
CA LYS B 12 31.46 6.30 10.09
C LYS B 12 30.21 6.01 10.89
N GLU B 13 29.10 5.71 10.22
CA GLU B 13 27.83 5.44 10.89
C GLU B 13 27.86 4.12 11.66
N PHE B 14 28.71 3.18 11.27
CA PHE B 14 28.84 1.92 11.98
C PHE B 14 29.83 2.02 13.14
N SER B 15 30.99 2.60 12.87
CA SER B 15 32.04 2.67 13.88
C SER B 15 31.62 3.56 15.05
N ALA B 16 30.83 4.60 14.78
CA ALA B 16 30.30 5.44 15.84
C ALA B 16 29.52 4.62 16.87
N GLU B 17 28.94 3.50 16.45
CA GLU B 17 28.13 2.67 17.32
C GLU B 17 28.78 1.33 17.63
N ALA B 18 30.02 1.12 17.19
CA ALA B 18 30.69 -0.16 17.36
C ALA B 18 29.89 -1.34 16.78
N VAL B 19 29.35 -1.16 15.58
CA VAL B 19 28.53 -2.19 14.92
C VAL B 19 29.34 -2.79 13.77
N ASN B 20 29.35 -4.12 13.68
CA ASN B 20 29.84 -4.83 12.50
C ASN B 20 28.64 -5.16 11.62
N GLY B 21 28.59 -4.58 10.44
CA GLY B 21 27.44 -4.81 9.58
C GLY B 21 27.67 -4.32 8.17
N VAL B 22 26.62 -4.40 7.36
CA VAL B 22 26.70 -3.96 5.97
C VAL B 22 25.39 -3.32 5.59
N PHE B 23 25.50 -2.30 4.76
CA PHE B 23 24.36 -1.69 4.08
C PHE B 23 24.61 -1.72 2.58
N VAL B 24 23.57 -2.13 1.83
CA VAL B 24 23.59 -2.09 0.37
C VAL B 24 22.44 -1.22 -0.06
N LEU B 25 22.74 -0.24 -0.92
CA LEU B 25 21.73 0.70 -1.43
C LEU B 25 21.88 0.80 -2.94
N CYS B 26 20.78 0.57 -3.65
CA CYS B 26 20.79 0.57 -5.10
C CYS B 26 19.78 1.60 -5.59
N LYS B 27 20.20 2.42 -6.55
CA LYS B 27 19.31 3.40 -7.18
C LYS B 27 18.88 2.86 -8.53
N SER B 28 17.59 2.71 -8.73
CA SER B 28 17.11 2.02 -9.90
C SER B 28 17.47 2.76 -11.19
N SER B 29 17.33 4.08 -11.21
CA SER B 29 17.45 4.78 -12.49
C SER B 29 18.86 4.69 -13.03
N SER B 30 19.85 4.61 -12.16
CA SER B 30 21.24 4.57 -12.57
C SER B 30 21.82 3.18 -12.54
N LYS B 31 21.03 2.16 -12.15
CA LYS B 31 21.49 0.76 -12.13
C LYS B 31 22.80 0.65 -11.38
N SER B 32 22.84 1.31 -10.22
CA SER B 32 24.09 1.37 -9.48
C SER B 32 23.83 1.29 -7.99
N CYS B 33 24.73 0.56 -7.29
CA CYS B 33 24.61 0.32 -5.87
C CYS B 33 25.88 0.73 -5.17
N ALA B 34 25.75 1.02 -3.89
CA ALA B 34 26.89 1.28 -3.04
C ALA B 34 26.76 0.50 -1.76
N THR B 35 27.90 0.22 -1.13
CA THR B 35 27.93 -0.53 0.10
C THR B 35 29.15 -0.09 0.89
N ASN B 36 29.07 -0.18 2.21
CA ASN B 36 30.27 0.08 3.02
C ASN B 36 31.27 -1.07 3.01
N ASP B 37 30.86 -2.28 2.61
CA ASP B 37 31.70 -3.48 2.82
C ASP B 37 31.30 -4.49 1.75
N LEU B 38 32.03 -4.46 0.63
CA LEU B 38 31.68 -5.33 -0.50
C LEU B 38 31.69 -6.81 -0.10
N ALA B 39 32.72 -7.24 0.64
CA ALA B 39 32.78 -8.64 1.03
C ALA B 39 31.58 -9.03 1.87
N ARG B 40 31.23 -8.21 2.88
CA ARG B 40 30.10 -8.59 3.72
C ARG B 40 28.79 -8.52 2.95
N ALA B 41 28.75 -7.65 1.95
CA ALA B 41 27.52 -7.53 1.16
C ALA B 41 27.14 -8.85 0.52
N SER B 42 28.11 -9.69 0.18
CA SER B 42 27.87 -10.98 -0.43
C SER B 42 27.85 -12.12 0.58
N LYS B 43 28.12 -11.84 1.85
CA LYS B 43 28.17 -12.90 2.85
C LYS B 43 26.75 -13.29 3.29
N GLU B 44 26.53 -14.59 3.47
CA GLU B 44 25.16 -15.06 3.70
C GLU B 44 24.89 -15.28 5.19
N TYR B 45 23.70 -14.84 5.64
CA TYR B 45 23.25 -14.95 7.03
C TYR B 45 21.83 -15.52 7.08
N LEU B 46 21.48 -16.10 8.25
CA LEU B 46 20.12 -16.53 8.49
C LEU B 46 19.17 -15.39 8.13
N PRO B 47 18.11 -15.64 7.38
CA PRO B 47 17.20 -14.52 7.05
C PRO B 47 16.29 -14.12 8.18
N ALA B 48 16.05 -15.03 9.14
CA ALA B 48 15.10 -14.79 10.24
C ALA B 48 13.79 -14.28 9.63
N SER B 49 13.13 -13.32 10.28
CA SER B 49 11.79 -12.90 9.81
C SER B 49 11.77 -12.21 8.48
N THR B 50 12.92 -11.89 7.85
CA THR B 50 12.82 -11.42 6.47
C THR B 50 12.30 -12.52 5.56
N PHE B 51 12.37 -13.77 6.00
CA PHE B 51 11.83 -14.91 5.25
C PHE B 51 10.30 -14.87 5.15
N KCX B 52 9.65 -14.03 5.95
CA KCX B 52 8.20 -13.92 5.83
CB KCX B 52 7.65 -12.99 6.90
CG KCX B 52 7.73 -13.67 8.32
CD KCX B 52 7.03 -12.88 9.40
CE KCX B 52 6.95 -13.73 10.72
NZ KCX B 52 8.30 -13.97 11.30
C KCX B 52 7.80 -13.44 4.44
O KCX B 52 6.66 -13.71 4.01
CX KCX B 52 8.99 -15.13 11.19
OQ1 KCX B 52 10.15 -15.16 11.68
OQ2 KCX B 52 8.57 -16.17 10.65
N ILE B 53 8.70 -12.77 3.74
CA ILE B 53 8.37 -12.25 2.41
C ILE B 53 8.22 -13.42 1.45
N PRO B 54 9.25 -14.23 1.20
CA PRO B 54 9.00 -15.39 0.33
C PRO B 54 7.95 -16.35 0.89
N ASN B 55 7.95 -16.57 2.19
CA ASN B 55 7.01 -17.53 2.80
C ASN B 55 5.58 -17.09 2.53
N ALA B 56 5.31 -15.79 2.61
CA ALA B 56 3.97 -15.29 2.31
C ALA B 56 3.63 -15.53 0.84
N ILE B 57 4.56 -15.20 -0.08
CA ILE B 57 4.30 -15.43 -1.48
C ILE B 57 4.01 -16.92 -1.73
N ILE B 58 4.83 -17.81 -1.17
CA ILE B 58 4.68 -19.25 -1.37
C ILE B 58 3.37 -19.75 -0.77
N GLY B 59 3.03 -19.25 0.42
CA GLY B 59 1.74 -19.57 1.02
C GLY B 59 0.57 -19.24 0.11
N LEU B 60 0.60 -18.07 -0.53
CA LEU B 60 -0.44 -17.73 -1.49
C LEU B 60 -0.36 -18.60 -2.73
N GLU B 61 0.84 -18.80 -3.27
CA GLU B 61 0.97 -19.55 -4.52
C GLU B 61 0.42 -20.95 -4.39
N THR B 62 0.70 -21.62 -3.29
CA THR B 62 0.26 -22.99 -3.09
C THR B 62 -1.16 -23.09 -2.58
N GLY B 63 -1.84 -21.97 -2.29
CA GLY B 63 -3.18 -22.05 -1.75
C GLY B 63 -3.24 -22.30 -0.25
N VAL B 64 -2.12 -22.44 0.43
CA VAL B 64 -2.15 -22.53 1.90
C VAL B 64 -2.79 -21.27 2.48
N ILE B 65 -2.39 -20.11 1.96
CA ILE B 65 -3.06 -18.84 2.26
C ILE B 65 -4.13 -18.67 1.20
N LYS B 66 -5.41 -18.63 1.64
CA LYS B 66 -6.54 -18.76 0.71
C LYS B 66 -6.66 -17.54 -0.19
N ASN B 67 -6.47 -16.34 0.35
CA ASN B 67 -6.56 -15.14 -0.45
C ASN B 67 -6.03 -13.99 0.38
N GLU B 68 -6.05 -12.81 -0.23
CA GLU B 68 -5.53 -11.60 0.38
C GLU B 68 -6.09 -11.34 1.78
N HIS B 69 -7.33 -11.73 2.05
CA HIS B 69 -8.01 -11.29 3.27
C HIS B 69 -8.20 -12.42 4.28
N GLN B 70 -7.46 -13.51 4.10
CA GLN B 70 -7.52 -14.60 5.09
C GLN B 70 -7.09 -14.07 6.45
N VAL B 71 -7.85 -14.46 7.49
CA VAL B 71 -7.54 -14.12 8.87
C VAL B 71 -6.89 -15.33 9.53
N PHE B 72 -5.83 -15.08 10.29
CA PHE B 72 -5.10 -16.15 11.00
C PHE B 72 -5.57 -16.02 12.45
N LYS B 73 -6.48 -16.92 12.86
CA LYS B 73 -7.13 -16.82 14.16
C LYS B 73 -6.18 -17.30 15.25
N TRP B 74 -6.23 -16.63 16.39
CA TRP B 74 -5.42 -17.02 17.55
C TRP B 74 -6.19 -18.06 18.36
N ASP B 75 -5.55 -19.21 18.63
CA ASP B 75 -6.21 -20.28 19.38
C ASP B 75 -6.26 -20.04 20.88
N GLY B 76 -5.74 -18.92 21.38
CA GLY B 76 -5.75 -18.62 22.80
C GLY B 76 -4.61 -19.23 23.60
N LYS B 77 -3.69 -19.99 22.95
CA LYS B 77 -2.57 -20.52 23.71
C LYS B 77 -1.43 -19.51 23.73
N PRO B 78 -0.66 -19.44 24.82
CA PRO B 78 0.38 -18.41 24.94
C PRO B 78 1.34 -18.41 23.76
N ARG B 79 1.68 -17.21 23.30
CA ARG B 79 2.69 -17.02 22.28
C ARG B 79 3.83 -16.19 22.84
N ALA B 80 4.96 -16.20 22.12
CA ALA B 80 6.19 -15.64 22.65
C ALA B 80 6.11 -14.13 22.85
N MET B 81 5.25 -13.44 22.11
CA MET B 81 5.06 -12.01 22.28
C MET B 81 3.58 -11.75 22.45
N LYS B 82 3.25 -10.84 23.37
CA LYS B 82 1.84 -10.45 23.54
C LYS B 82 1.27 -9.88 22.24
N GLN B 83 2.09 -9.19 21.43
CA GLN B 83 1.59 -8.57 20.20
C GLN B 83 1.07 -9.61 19.20
N TRP B 84 1.44 -10.88 19.36
CA TRP B 84 0.96 -11.97 18.53
C TRP B 84 -0.31 -12.64 19.06
N GLU B 85 -0.77 -12.29 20.26
CA GLU B 85 -1.88 -13.00 20.91
C GLU B 85 -3.22 -12.36 20.52
N ARG B 86 -3.55 -12.51 19.23
CA ARG B 86 -4.75 -11.92 18.63
C ARG B 86 -4.91 -12.45 17.20
N ASP B 87 -6.14 -12.38 16.69
CA ASP B 87 -6.39 -12.70 15.28
C ASP B 87 -5.65 -11.68 14.43
N LEU B 88 -5.08 -12.13 13.31
CA LEU B 88 -4.24 -11.29 12.47
C LEU B 88 -4.61 -11.44 11.01
N THR B 89 -4.56 -10.32 10.28
CA THR B 89 -4.55 -10.40 8.84
C THR B 89 -3.13 -10.75 8.35
N LEU B 90 -3.02 -10.99 7.04
CA LEU B 90 -1.71 -11.30 6.48
C LEU B 90 -0.75 -10.13 6.68
N ARG B 91 -1.21 -8.89 6.40
CA ARG B 91 -0.36 -7.74 6.66
CA ARG B 91 -0.37 -7.72 6.66
C ARG B 91 -0.01 -7.64 8.14
N GLY B 92 -1.01 -7.81 9.01
CA GLY B 92 -0.74 -7.74 10.44
C GLY B 92 0.32 -8.75 10.88
N ALA B 93 0.18 -9.99 10.44
CA ALA B 93 1.14 -11.04 10.81
C ALA B 93 2.54 -10.73 10.31
N ILE B 94 2.65 -10.10 9.14
CA ILE B 94 3.96 -9.69 8.64
C ILE B 94 4.50 -8.54 9.48
N GLN B 95 3.67 -7.50 9.70
CA GLN B 95 4.15 -6.26 10.32
C GLN B 95 4.58 -6.49 11.77
N VAL B 96 3.88 -7.35 12.52
CA VAL B 96 4.25 -7.66 13.89
C VAL B 96 5.15 -8.89 13.93
N SER B 97 5.48 -9.45 12.78
CA SER B 97 6.45 -10.53 12.65
C SER B 97 6.02 -11.75 13.48
N ALA B 98 4.77 -12.16 13.30
CA ALA B 98 4.15 -13.22 14.12
C ALA B 98 4.66 -14.60 13.71
N VAL B 99 5.74 -15.04 14.38
CA VAL B 99 6.39 -16.32 14.06
C VAL B 99 5.44 -17.51 13.98
N PRO B 100 4.58 -17.77 14.96
CA PRO B 100 3.77 -18.99 14.88
C PRO B 100 2.83 -19.08 13.68
N VAL B 101 2.34 -17.93 13.18
CA VAL B 101 1.53 -17.96 11.96
C VAL B 101 2.33 -18.51 10.79
N PHE B 102 3.58 -18.05 10.63
CA PHE B 102 4.39 -18.46 9.50
C PHE B 102 5.00 -19.84 9.66
N GLN B 103 5.17 -20.31 10.90
CA GLN B 103 5.56 -21.70 11.09
C GLN B 103 4.47 -22.63 10.59
N GLN B 104 3.21 -22.32 10.91
CA GLN B 104 2.10 -23.12 10.41
C GLN B 104 1.99 -23.04 8.89
N ILE B 105 2.15 -21.84 8.30
CA ILE B 105 2.15 -21.75 6.85
C ILE B 105 3.22 -22.67 6.25
N ALA B 106 4.44 -22.60 6.79
CA ALA B 106 5.52 -23.43 6.26
C ALA B 106 5.22 -24.93 6.36
N ARG B 107 4.70 -25.38 7.50
CA ARG B 107 4.34 -26.80 7.62
C ARG B 107 3.34 -27.20 6.55
N GLU B 108 2.35 -26.33 6.27
CA GLU B 108 1.34 -26.73 5.29
C GLU B 108 1.90 -26.69 3.88
N VAL B 109 2.80 -25.74 3.59
CA VAL B 109 3.48 -25.73 2.30
C VAL B 109 4.24 -27.03 2.10
N GLY B 110 5.01 -27.42 3.11
CA GLY B 110 5.74 -28.67 3.07
C GLY B 110 7.09 -28.55 2.38
N GLU B 111 7.95 -29.53 2.66
CA GLU B 111 9.35 -29.41 2.27
C GLU B 111 9.49 -29.38 0.75
N VAL B 112 8.75 -30.23 0.03
CA VAL B 112 8.91 -30.30 -1.42
C VAL B 112 8.56 -28.96 -2.09
N ARG B 113 7.37 -28.43 -1.81
CA ARG B 113 6.99 -27.18 -2.48
C ARG B 113 7.84 -26.01 -2.01
N MET B 114 8.26 -26.01 -0.74
CA MET B 114 9.13 -24.96 -0.26
C MET B 114 10.44 -24.97 -1.02
N GLN B 115 11.03 -26.16 -1.16
CA GLN B 115 12.30 -26.29 -1.89
C GLN B 115 12.14 -25.82 -3.33
N LYS B 116 11.04 -26.20 -3.97
CA LYS B 116 10.81 -25.78 -5.35
C LYS B 116 10.79 -24.26 -5.47
N TYR B 117 10.07 -23.59 -4.58
CA TYR B 117 9.92 -22.15 -4.73
C TYR B 117 11.19 -21.39 -4.36
N LEU B 118 11.98 -21.92 -3.42
CA LEU B 118 13.22 -21.21 -3.14
C LEU B 118 14.22 -21.36 -4.27
N LYS B 119 14.10 -22.45 -5.05
CA LYS B 119 14.90 -22.55 -6.27
C LYS B 119 14.41 -21.56 -7.31
N LYS B 120 13.10 -21.49 -7.49
CA LYS B 120 12.53 -20.52 -8.41
C LYS B 120 12.94 -19.10 -8.04
N PHE B 121 12.98 -18.79 -6.75
CA PHE B 121 13.26 -17.42 -6.31
C PHE B 121 14.77 -17.14 -6.20
N SER B 122 15.62 -18.13 -6.45
CA SER B 122 17.07 -18.03 -6.23
C SER B 122 17.36 -17.46 -4.83
N TYR B 123 16.76 -18.08 -3.82
CA TYR B 123 16.73 -17.53 -2.47
C TYR B 123 17.88 -18.09 -1.65
N GLY B 124 19.00 -17.36 -1.70
CA GLY B 124 20.16 -17.66 -0.88
C GLY B 124 20.71 -19.03 -1.18
N ASN B 125 21.19 -19.72 -0.14
CA ASN B 125 21.74 -21.06 -0.37
C ASN B 125 20.67 -22.14 -0.52
N GLN B 126 19.40 -21.78 -0.42
CA GLN B 126 18.29 -22.68 -0.69
C GLN B 126 18.31 -23.92 0.21
N ASN B 127 18.95 -23.83 1.36
CA ASN B 127 19.10 -24.97 2.25
C ASN B 127 18.03 -24.87 3.33
N ILE B 128 17.01 -25.73 3.24
CA ILE B 128 15.91 -25.71 4.19
C ILE B 128 16.02 -26.85 5.22
N SER B 129 17.19 -27.43 5.37
CA SER B 129 17.37 -28.44 6.39
CA SER B 129 17.34 -28.44 6.39
C SER B 129 17.21 -27.82 7.77
N GLY B 130 16.91 -28.67 8.75
CA GLY B 130 16.79 -28.21 10.11
C GLY B 130 15.36 -28.10 10.61
N GLY B 131 14.39 -28.61 9.86
CA GLY B 131 13.01 -28.64 10.28
C GLY B 131 12.22 -27.64 9.47
N ILE B 132 11.10 -28.09 8.92
CA ILE B 132 10.35 -27.26 7.97
C ILE B 132 9.84 -25.99 8.61
N ASP B 133 9.63 -25.98 9.93
CA ASP B 133 9.12 -24.82 10.63
C ASP B 133 10.19 -24.01 11.37
N LYS B 134 11.46 -24.27 11.10
CA LYS B 134 12.53 -23.59 11.83
C LYS B 134 13.74 -23.24 10.99
N PHE B 135 13.77 -23.61 9.69
CA PHE B 135 15.01 -23.50 8.91
C PHE B 135 15.46 -22.05 8.75
N TRP B 136 14.52 -21.09 8.71
CA TRP B 136 14.91 -19.70 8.51
C TRP B 136 15.27 -18.97 9.80
N LEU B 137 15.02 -19.58 10.96
CA LEU B 137 15.29 -18.99 12.27
C LEU B 137 16.46 -19.64 12.98
N GLU B 138 16.59 -20.95 12.85
CA GLU B 138 17.68 -21.65 13.51
C GLU B 138 18.28 -22.77 12.66
N GLY B 139 17.91 -22.89 11.39
CA GLY B 139 18.44 -23.92 10.51
C GLY B 139 19.60 -23.44 9.64
N GLN B 140 19.69 -24.01 8.45
CA GLN B 140 20.85 -23.83 7.60
C GLN B 140 20.65 -22.83 6.47
N LEU B 141 19.46 -22.21 6.37
CA LEU B 141 19.21 -21.26 5.30
C LEU B 141 20.00 -19.99 5.52
N ARG B 142 20.62 -19.48 4.46
CA ARG B 142 21.44 -18.28 4.56
C ARG B 142 21.26 -17.48 3.27
N ILE B 143 21.25 -16.16 3.39
CA ILE B 143 21.12 -15.27 2.24
C ILE B 143 21.91 -14.00 2.50
N SER B 144 22.48 -13.43 1.45
CA SER B 144 23.29 -12.24 1.57
C SER B 144 22.45 -10.97 1.36
N ALA B 145 23.03 -9.82 1.75
CA ALA B 145 22.37 -8.55 1.46
C ALA B 145 22.16 -8.33 -0.05
N VAL B 146 23.17 -8.65 -0.86
CA VAL B 146 23.02 -8.52 -2.31
C VAL B 146 21.84 -9.35 -2.81
N ASN B 147 21.73 -10.61 -2.34
CA ASN B 147 20.66 -11.50 -2.78
C ASN B 147 19.31 -10.97 -2.30
N GLN B 148 19.25 -10.36 -1.11
CA GLN B 148 17.99 -9.73 -0.67
C GLN B 148 17.56 -8.62 -1.62
N VAL B 149 18.51 -7.78 -2.04
CA VAL B 149 18.21 -6.72 -2.99
C VAL B 149 17.71 -7.29 -4.31
N GLU B 150 18.41 -8.28 -4.85
CA GLU B 150 17.99 -8.92 -6.10
C GLU B 150 16.57 -9.45 -5.98
N PHE B 151 16.27 -10.12 -4.88
CA PHE B 151 14.95 -10.68 -4.67
C PHE B 151 13.88 -9.59 -4.59
N LEU B 152 14.17 -8.52 -3.85
CA LEU B 152 13.22 -7.40 -3.74
C LEU B 152 13.04 -6.66 -5.04
N GLU B 153 14.12 -6.49 -5.81
CA GLU B 153 13.99 -5.87 -7.16
C GLU B 153 13.06 -6.69 -8.04
N SER B 154 13.20 -8.02 -8.00
CA SER B 154 12.30 -8.86 -8.75
C SER B 154 10.87 -8.68 -8.26
N LEU B 155 10.69 -8.67 -6.94
CA LEU B 155 9.34 -8.51 -6.40
C LEU B 155 8.73 -7.17 -6.82
N TYR B 156 9.51 -6.09 -6.75
CA TYR B 156 9.03 -4.78 -7.17
C TYR B 156 8.52 -4.79 -8.60
N LEU B 157 9.21 -5.49 -9.49
CA LEU B 157 8.88 -5.57 -10.90
C LEU B 157 7.89 -6.67 -11.25
N ASN B 158 7.37 -7.40 -10.24
CA ASN B 158 6.45 -8.53 -10.44
C ASN B 158 7.10 -9.61 -11.28
N LYS B 159 8.42 -9.74 -11.17
CA LYS B 159 9.17 -10.69 -11.96
C LYS B 159 9.59 -11.97 -11.21
N LEU B 160 9.20 -12.16 -9.95
CA LEU B 160 9.40 -13.49 -9.35
C LEU B 160 8.53 -14.52 -10.06
N SER B 161 8.90 -15.79 -9.91
CA SER B 161 8.16 -16.90 -10.50
CA SER B 161 8.16 -16.90 -10.50
C SER B 161 6.97 -17.23 -9.60
N ALA B 162 6.00 -16.34 -9.65
CA ALA B 162 4.78 -16.38 -8.87
C ALA B 162 3.81 -15.45 -9.57
N SER B 163 2.52 -15.60 -9.26
CA SER B 163 1.55 -14.77 -9.97
C SER B 163 1.80 -13.31 -9.63
N LYS B 164 1.45 -12.45 -10.58
CA LYS B 164 1.49 -11.02 -10.34
C LYS B 164 0.59 -10.63 -9.17
N GLU B 165 -0.60 -11.24 -9.11
CA GLU B 165 -1.55 -11.00 -8.02
C GLU B 165 -0.91 -11.28 -6.66
N ASN B 166 -0.24 -12.42 -6.53
CA ASN B 166 0.31 -12.74 -5.22
C ASN B 166 1.50 -11.86 -4.86
N GLN B 167 2.29 -11.45 -5.85
CA GLN B 167 3.34 -10.49 -5.58
C GLN B 167 2.78 -9.14 -5.12
N LEU B 168 1.70 -8.68 -5.75
CA LEU B 168 1.08 -7.44 -5.34
C LEU B 168 0.51 -7.53 -3.93
N ILE B 169 -0.14 -8.65 -3.60
CA ILE B 169 -0.71 -8.83 -2.26
C ILE B 169 0.38 -8.66 -1.21
N VAL B 170 1.53 -9.33 -1.40
CA VAL B 170 2.59 -9.25 -0.42
C VAL B 170 3.23 -7.87 -0.39
N LYS B 171 3.36 -7.22 -1.57
CA LYS B 171 3.86 -5.85 -1.56
C LYS B 171 3.00 -4.91 -0.69
N GLU B 172 1.68 -4.93 -0.81
CA GLU B 172 0.93 -4.00 0.03
C GLU B 172 1.08 -4.36 1.50
N ALA B 173 1.22 -5.65 1.81
CA ALA B 173 1.42 -6.02 3.20
C ALA B 173 2.76 -5.51 3.76
N LEU B 174 3.73 -5.15 2.91
CA LEU B 174 5.03 -4.65 3.36
C LEU B 174 5.08 -3.13 3.48
N VAL B 175 4.02 -2.39 3.13
CA VAL B 175 4.09 -0.94 3.22
C VAL B 175 4.23 -0.56 4.68
N THR B 176 5.25 0.26 5.00
CA THR B 176 5.44 0.75 6.37
C THR B 176 5.41 2.26 6.51
N GLU B 177 5.45 3.01 5.41
CA GLU B 177 5.24 4.45 5.46
C GLU B 177 4.64 4.93 4.15
N ALA B 178 3.63 5.81 4.23
CA ALA B 178 2.93 6.26 3.04
C ALA B 178 2.73 7.76 3.10
N ALA B 179 3.20 8.44 2.08
CA ALA B 179 3.02 9.88 1.88
C ALA B 179 2.75 10.17 0.41
N PRO B 180 2.31 11.38 0.06
CA PRO B 180 1.91 11.60 -1.34
C PRO B 180 3.01 11.33 -2.33
N GLU B 181 4.24 11.65 -2.01
CA GLU B 181 5.32 11.42 -2.99
CA GLU B 181 5.36 11.48 -2.95
C GLU B 181 6.47 10.61 -2.38
N TYR B 182 6.18 9.78 -1.38
CA TYR B 182 7.18 8.99 -0.69
C TYR B 182 6.48 7.76 -0.15
N LEU B 183 6.97 6.56 -0.50
CA LEU B 183 6.39 5.32 -0.03
C LEU B 183 7.49 4.32 0.32
N VAL B 184 7.39 3.70 1.50
CA VAL B 184 8.39 2.73 1.96
C VAL B 184 7.75 1.36 2.13
N HIS B 185 8.39 0.35 1.58
CA HIS B 185 8.08 -1.05 1.84
C HIS B 185 9.29 -1.63 2.57
N SER B 186 9.08 -2.36 3.66
CA SER B 186 10.24 -2.83 4.41
C SER B 186 9.87 -3.98 5.33
N LYS B 187 10.88 -4.73 5.77
CA LYS B 187 10.71 -5.85 6.69
C LYS B 187 11.95 -5.98 7.55
N THR B 188 11.74 -6.14 8.84
CA THR B 188 12.81 -6.38 9.79
C THR B 188 13.05 -7.87 9.98
N GLY B 189 14.24 -8.20 10.44
CA GLY B 189 14.51 -9.53 10.94
C GLY B 189 15.47 -9.50 12.13
N PHE B 190 15.36 -10.53 12.97
CA PHE B 190 16.22 -10.66 14.16
C PHE B 190 16.29 -12.14 14.52
N SER B 191 17.49 -12.72 14.47
CA SER B 191 17.63 -14.14 14.72
C SER B 191 17.78 -14.47 16.21
N GLY B 192 18.07 -13.49 17.04
CA GLY B 192 18.41 -13.69 18.43
C GLY B 192 19.79 -13.13 18.71
N VAL B 193 20.24 -13.31 19.97
CA VAL B 193 21.52 -12.74 20.36
C VAL B 193 22.67 -13.72 20.23
N GLY B 194 22.41 -14.97 19.84
CA GLY B 194 23.53 -15.84 19.63
C GLY B 194 24.31 -15.99 20.92
N THR B 195 25.61 -16.05 20.77
CA THR B 195 26.55 -16.11 21.85
C THR B 195 27.68 -15.15 21.52
N GLU B 196 28.53 -14.91 22.52
CA GLU B 196 29.83 -14.31 22.27
C GLU B 196 30.55 -15.19 21.26
N SER B 197 31.03 -14.58 20.18
CA SER B 197 31.81 -15.24 19.13
C SER B 197 30.91 -16.00 18.18
N ASN B 198 29.61 -16.09 18.42
CA ASN B 198 28.67 -16.56 17.41
C ASN B 198 27.42 -15.70 17.56
N PRO B 199 27.54 -14.41 17.25
CA PRO B 199 26.42 -13.49 17.44
C PRO B 199 25.25 -13.80 16.53
N GLY B 200 24.08 -13.28 16.92
CA GLY B 200 22.91 -13.30 16.07
C GLY B 200 23.05 -12.29 14.96
N VAL B 201 21.99 -12.20 14.15
CA VAL B 201 21.95 -11.27 13.04
C VAL B 201 20.66 -10.47 13.10
N ALA B 202 20.74 -9.19 12.74
CA ALA B 202 19.56 -8.35 12.62
C ALA B 202 19.55 -7.74 11.23
N TRP B 203 18.35 -7.65 10.66
CA TRP B 203 18.18 -7.20 9.29
C TRP B 203 17.18 -6.05 9.20
N TRP B 204 17.34 -5.22 8.15
CA TRP B 204 16.27 -4.34 7.65
C TRP B 204 16.43 -4.33 6.14
N VAL B 205 15.36 -4.72 5.43
CA VAL B 205 15.39 -4.78 3.97
C VAL B 205 14.13 -4.11 3.44
N GLY B 206 14.24 -3.58 2.22
CA GLY B 206 13.05 -3.00 1.61
C GLY B 206 13.41 -2.11 0.45
N TRP B 207 12.50 -1.21 0.16
CA TRP B 207 12.76 -0.20 -0.85
C TRP B 207 11.95 1.06 -0.58
N VAL B 208 12.43 2.15 -1.16
CA VAL B 208 11.82 3.48 -1.06
C VAL B 208 11.51 4.00 -2.44
N GLU B 209 10.26 4.40 -2.64
CA GLU B 209 9.83 5.05 -3.87
C GLU B 209 9.64 6.50 -3.50
N LYS B 210 10.42 7.35 -4.16
CA LYS B 210 10.44 8.79 -3.90
C LYS B 210 10.32 9.48 -5.25
N GLU B 211 9.25 10.19 -5.45
CA GLU B 211 8.91 10.77 -6.76
C GLU B 211 8.97 9.60 -7.75
N THR B 212 9.73 9.69 -8.86
CA THR B 212 9.82 8.56 -9.79
C THR B 212 11.07 7.72 -9.60
N GLU B 213 11.82 7.95 -8.55
CA GLU B 213 12.98 7.13 -8.26
CA GLU B 213 12.98 7.12 -8.27
C GLU B 213 12.61 5.98 -7.33
N VAL B 214 13.41 4.91 -7.38
CA VAL B 214 13.27 3.80 -6.46
C VAL B 214 14.64 3.42 -5.94
N TYR B 215 14.76 3.27 -4.63
CA TYR B 215 16.00 2.89 -3.93
C TYR B 215 15.74 1.57 -3.21
N PHE B 216 16.50 0.53 -3.55
CA PHE B 216 16.41 -0.76 -2.87
C PHE B 216 17.52 -0.83 -1.82
N PHE B 217 17.21 -1.40 -0.67
CA PHE B 217 18.21 -1.49 0.37
C PHE B 217 18.16 -2.81 1.13
N ALA B 218 19.32 -3.21 1.65
CA ALA B 218 19.41 -4.31 2.59
C ALA B 218 20.50 -3.97 3.58
N PHE B 219 20.17 -4.13 4.85
CA PHE B 219 21.08 -3.93 5.98
C PHE B 219 21.10 -5.20 6.83
N ASN B 220 22.29 -5.62 7.24
CA ASN B 220 22.36 -6.58 8.34
C ASN B 220 23.52 -6.22 9.26
N MET B 221 23.45 -6.73 10.49
CA MET B 221 24.50 -6.46 11.46
C MET B 221 24.57 -7.65 12.41
N ASP B 222 25.77 -7.87 12.95
CA ASP B 222 25.92 -8.81 14.05
C ASP B 222 25.32 -8.19 15.31
N ILE B 223 24.63 -9.02 16.09
CA ILE B 223 24.00 -8.55 17.32
C ILE B 223 24.13 -9.60 18.41
N ASP B 224 24.61 -9.18 19.57
CA ASP B 224 24.71 -10.07 20.72
C ASP B 224 23.98 -9.53 21.94
N ASN B 225 23.20 -8.47 21.79
CA ASN B 225 22.44 -7.91 22.88
C ASN B 225 21.20 -7.25 22.30
N GLU B 226 20.04 -7.65 22.81
CA GLU B 226 18.78 -7.14 22.29
C GLU B 226 18.68 -5.62 22.38
N SER B 227 19.43 -4.98 23.27
CA SER B 227 19.33 -3.53 23.38
C SER B 227 19.89 -2.81 22.17
N LYS B 228 20.67 -3.49 21.33
CA LYS B 228 21.25 -2.86 20.15
C LYS B 228 20.30 -2.89 18.97
N LEU B 229 19.17 -3.58 19.11
CA LEU B 229 18.31 -3.83 17.96
C LEU B 229 17.88 -2.55 17.25
N PRO B 230 17.61 -1.43 17.93
CA PRO B 230 17.18 -0.23 17.19
C PRO B 230 18.19 0.27 16.15
N LEU B 231 19.47 -0.09 16.29
CA LEU B 231 20.47 0.31 15.30
C LEU B 231 20.17 -0.27 13.93
N ARG B 232 19.40 -1.34 13.88
CA ARG B 232 19.11 -1.99 12.61
C ARG B 232 18.26 -1.09 11.71
N LYS B 233 17.54 -0.14 12.30
CA LYS B 233 16.87 0.89 11.52
C LYS B 233 17.62 2.22 11.52
N SER B 234 18.28 2.60 12.63
CA SER B 234 18.86 3.94 12.73
C SER B 234 20.09 4.09 11.85
N ILE B 235 20.91 3.06 11.71
CA ILE B 235 22.08 3.18 10.84
C ILE B 235 21.65 3.35 9.39
N PRO B 236 20.82 2.45 8.83
CA PRO B 236 20.38 2.66 7.44
C PRO B 236 19.64 3.96 7.24
N THR B 237 18.82 4.37 8.22
CA THR B 237 18.10 5.62 8.10
C THR B 237 19.07 6.79 8.02
N LYS B 238 20.11 6.80 8.86
CA LYS B 238 21.06 7.89 8.80
C LYS B 238 21.82 7.92 7.49
N ILE B 239 22.20 6.74 6.95
CA ILE B 239 22.85 6.73 5.64
C ILE B 239 21.92 7.27 4.57
N MET B 240 20.67 6.83 4.59
CA MET B 240 19.75 7.28 3.54
C MET B 240 19.45 8.77 3.68
N GLU B 241 19.40 9.28 4.91
CA GLU B 241 19.25 10.73 5.09
C GLU B 241 20.45 11.45 4.51
N SER B 242 21.66 10.95 4.76
CA SER B 242 22.86 11.59 4.22
C SER B 242 22.87 11.57 2.70
N GLU B 243 22.24 10.56 2.10
CA GLU B 243 22.08 10.48 0.64
C GLU B 243 20.96 11.37 0.12
N GLY B 244 20.22 12.06 0.99
CA GLY B 244 19.13 12.89 0.52
C GLY B 244 17.83 12.15 0.27
N ILE B 245 17.77 10.88 0.63
CA ILE B 245 16.56 10.08 0.42
C ILE B 245 15.59 10.30 1.55
N ILE B 246 16.07 10.09 2.78
CA ILE B 246 15.38 10.30 4.07
C ILE B 246 14.69 8.98 4.50
N GLY B 247 15.49 8.00 4.87
CA GLY B 247 14.97 6.70 5.31
O01 C6S C . -11.23 16.96 -7.52
B02 C6S C . -9.85 16.86 -7.92
O03 C6S C . -9.06 16.79 -6.73
C04 C6S C . -8.48 18.03 -6.26
C05 C6S C . -7.87 18.81 -7.24
C06 C6S C . -7.95 18.31 -8.69
C07 C6S C . -9.41 17.93 -9.01
N08 C6S C . -10.20 19.13 -8.85
C09 C6S C . -10.37 20.07 -9.88
O10 C6S C . -9.97 19.91 -11.03
C11 C6S C . -11.07 21.41 -9.47
C12 C6S C . -11.65 22.15 -10.66
C13 C6S C . -12.27 23.48 -10.16
C14 C6S C . -11.19 24.32 -9.55
C15 C6S C . -10.51 23.62 -8.41
C16 C6S C . -9.96 22.26 -8.86
C17 C6S C . -7.26 20.02 -6.87
C18 C6S C . -7.34 20.40 -5.50
C19 C6S C . -7.97 19.59 -4.52
C20 C6S C . -8.53 18.37 -4.90
C21 C6S C . -9.29 17.53 -3.92
O22 C6S C . -9.59 17.92 -2.78
O23 C6S C . -9.75 16.47 -4.29
C1 GOL D . 5.73 6.74 -5.39
O1 GOL D . 5.05 6.04 -6.42
C2 GOL D . 5.14 8.08 -5.70
O2 GOL D . 6.13 8.86 -6.29
C3 GOL D . 4.54 8.75 -4.53
O3 GOL D . 3.84 7.96 -3.62
C1 GOL E . -19.12 11.97 -26.81
O1 GOL E . -20.00 12.59 -27.73
C2 GOL E . -19.09 12.81 -25.56
O2 GOL E . -18.53 14.05 -25.94
C3 GOL E . -18.25 12.18 -24.45
O3 GOL E . -18.32 13.04 -23.35
C1 GOL F . -21.04 -3.63 -10.35
O1 GOL F . -22.33 -4.07 -10.63
C2 GOL F . -20.62 -3.89 -8.90
O2 GOL F . -21.67 -3.95 -7.97
C3 GOL F . -19.58 -2.88 -8.44
O3 GOL F . -19.83 -2.41 -7.11
C ACT G . -4.56 -4.78 9.03
O ACT G . -4.68 -5.47 10.09
OXT ACT G . -4.41 -3.55 9.18
CH3 ACT G . -4.57 -5.32 7.63
CL CL H . -3.43 21.63 -15.82
O01 C6S I . 13.16 -12.31 13.01
B02 C6S I . 11.73 -12.30 13.30
O03 C6S I . 11.36 -10.92 13.40
C04 C6S I . 11.36 -10.34 14.74
C05 C6S I . 10.77 -11.11 15.76
C06 C6S I . 10.21 -12.50 15.40
C07 C6S I . 11.27 -13.19 14.60
N08 C6S I . 12.40 -13.35 15.50
C09 C6S I . 12.41 -14.42 16.48
O10 C6S I . 11.48 -15.21 16.52
C11 C6S I . 13.65 -14.50 17.42
C12 C6S I . 13.75 -15.88 18.06
C13 C6S I . 14.95 -15.93 18.98
C14 C6S I . 14.94 -14.85 20.03
C15 C6S I . 14.74 -13.45 19.45
C16 C6S I . 13.57 -13.40 18.48
C17 C6S I . 10.75 -10.58 17.07
C18 C6S I . 11.32 -9.31 17.32
C19 C6S I . 11.90 -8.55 16.27
C20 C6S I . 11.93 -9.09 14.99
C21 C6S I . 12.53 -8.34 13.83
O22 C6S I . 13.52 -7.56 13.95
O23 C6S I . 12.02 -8.54 12.71
C1 GOL J . 24.86 4.26 -5.74
O1 GOL J . 25.25 4.50 -7.07
C2 GOL J . 23.48 4.89 -5.64
O2 GOL J . 23.59 6.30 -5.71
C3 GOL J . 22.73 4.59 -4.35
O3 GOL J . 21.76 5.64 -4.19
NA NA K . 20.18 -2.04 -9.20
#